data_9N2O
#
_entry.id   9N2O
#
_cell.length_a   46.850
_cell.length_b   62.740
_cell.length_c   87.920
_cell.angle_alpha   90.00
_cell.angle_beta   90.00
_cell.angle_gamma   90.00
#
_symmetry.space_group_name_H-M   'P 21 21 21'
#
loop_
_entity.id
_entity.type
_entity.pdbx_description
1 polymer 'Death-associated protein kinase 1'
2 non-polymer 5-(pyridin-4-yl)-3-[4-(pyrimidin-2-yl)piperazin-1-yl]pyridazine
3 non-polymer 'SULFATE ION'
4 water water
#
_entity_poly.entity_id   1
_entity_poly.type   'polypeptide(L)'
_entity_poly.pdbx_seq_one_letter_code
;TVFRQENVDDYYDTGEELGSGQFAVVKKCREKSTGLQYAAKFIKKRRTKSSRRGVSREDIEREVSILKEIQHPNVITLHE
VYENKTDVILILELVAGGELFDFLAEKESLTEEEATEFLKQILNGVYYLHSLQIAHFDLKPENIMLLDRNVPKPRIKIID
FGLAHKIDFGNEFKNIFGTPEFVAPEIVNYEPLGLEADMWSIGVITYILLSGASPFLGDTKQETLANVSAVNYEFEDEYF
SNTSALAKDFIRRLLVKDPKKRMTIQDSLQHPWIKPKDTQQALSSAWSHPQFE
;
_entity_poly.pdbx_strand_id   A
#
loop_
_chem_comp.id
_chem_comp.type
_chem_comp.name
_chem_comp.formula
A1BVL non-polymer 5-(pyridin-4-yl)-3-[4-(pyrimidin-2-yl)piperazin-1-yl]pyridazine 'C17 H17 N7'
SO4 non-polymer 'SULFATE ION' 'O4 S -2'
#
# COMPACT_ATOMS: atom_id res chain seq x y z
N THR A 1 20.15 12.33 -7.57
CA THR A 1 20.81 11.61 -6.49
C THR A 1 21.24 10.26 -7.00
N VAL A 2 22.44 9.81 -6.62
CA VAL A 2 22.97 8.54 -7.08
C VAL A 2 23.06 7.58 -5.90
N PHE A 3 23.15 6.29 -6.23
CA PHE A 3 23.09 5.23 -5.24
C PHE A 3 24.36 4.38 -5.34
N ARG A 4 24.53 3.45 -4.41
CA ARG A 4 25.73 2.62 -4.39
C ARG A 4 25.83 1.78 -5.66
N GLN A 5 26.96 1.86 -6.35
CA GLN A 5 27.08 1.21 -7.65
C GLN A 5 27.98 -0.03 -7.63
N GLU A 6 28.43 -0.48 -6.46
CA GLU A 6 29.04 -1.79 -6.35
CA GLU A 6 29.05 -1.79 -6.39
C GLU A 6 28.00 -2.87 -6.63
N ASN A 7 28.48 -4.04 -7.07
CA ASN A 7 27.57 -5.13 -7.36
C ASN A 7 26.95 -5.58 -6.05
N VAL A 8 25.63 -5.65 -6.02
CA VAL A 8 24.94 -6.00 -4.79
C VAL A 8 25.31 -7.41 -4.35
N ASP A 9 25.66 -8.29 -5.30
CA ASP A 9 26.07 -9.64 -4.95
C ASP A 9 27.39 -9.69 -4.20
N ASP A 10 28.17 -8.60 -4.18
CA ASP A 10 29.39 -8.59 -3.39
C ASP A 10 29.11 -8.43 -1.91
N TYR A 11 27.90 -8.00 -1.56
CA TYR A 11 27.51 -7.67 -0.21
C TYR A 11 26.35 -8.48 0.30
N TYR A 12 25.54 -9.07 -0.58
CA TYR A 12 24.35 -9.82 -0.21
C TYR A 12 24.31 -11.11 -1.01
N ASP A 13 23.72 -12.15 -0.42
CA ASP A 13 23.34 -13.35 -1.14
C ASP A 13 21.82 -13.38 -1.24
N THR A 14 21.32 -13.68 -2.43
CA THR A 14 19.88 -13.68 -2.64
C THR A 14 19.33 -15.10 -2.54
N GLY A 15 18.04 -15.19 -2.22
CA GLY A 15 17.36 -16.46 -2.11
C GLY A 15 16.02 -16.51 -2.85
N GLU A 16 14.97 -16.93 -2.14
CA GLU A 16 13.63 -17.10 -2.67
CA GLU A 16 13.68 -17.12 -2.75
C GLU A 16 13.08 -15.81 -3.23
N GLU A 17 12.36 -15.90 -4.35
CA GLU A 17 11.64 -14.75 -4.82
C GLU A 17 10.35 -14.66 -4.02
N LEU A 18 10.01 -13.45 -3.59
N LEU A 18 9.93 -13.45 -3.69
CA LEU A 18 8.84 -13.19 -2.75
CA LEU A 18 8.60 -13.19 -3.15
C LEU A 18 7.67 -12.61 -3.52
C LEU A 18 7.72 -12.56 -4.23
N GLY A 19 7.94 -11.67 -4.43
N GLY A 19 6.47 -12.23 -3.87
CA GLY A 19 6.91 -11.04 -5.24
CA GLY A 19 5.56 -11.65 -4.84
C GLY A 19 7.44 -10.62 -6.59
C GLY A 19 5.71 -10.14 -4.96
N SER A 20 6.51 -10.32 -7.50
N SER A 20 5.27 -9.61 -6.12
CA SER A 20 6.87 -9.98 -8.88
CA SER A 20 5.32 -8.18 -6.41
C SER A 20 5.79 -9.01 -9.38
C SER A 20 4.40 -7.77 -7.56
N GLY A 21 6.05 -7.72 -9.21
N GLY A 21 4.97 -7.24 -8.66
CA GLY A 21 5.15 -6.68 -9.67
CA GLY A 21 4.13 -6.69 -9.72
C GLY A 21 5.28 -6.48 -11.16
C GLY A 21 4.70 -6.55 -11.12
N GLN A 22 4.83 -5.31 -11.60
CA GLN A 22 4.99 -5.00 -13.02
C GLN A 22 6.45 -4.80 -13.40
N PHE A 23 7.04 -3.69 -12.94
CA PHE A 23 8.45 -3.39 -13.22
C PHE A 23 9.36 -3.67 -12.04
N ALA A 24 8.99 -4.62 -11.17
CA ALA A 24 9.76 -4.92 -9.96
C ALA A 24 9.70 -6.40 -9.61
N VAL A 25 10.81 -6.89 -9.08
CA VAL A 25 10.97 -8.25 -8.57
CA VAL A 25 10.89 -8.24 -8.53
C VAL A 25 11.47 -8.11 -7.13
N VAL A 26 10.95 -8.94 -6.22
CA VAL A 26 11.40 -8.90 -4.82
C VAL A 26 11.97 -10.26 -4.47
N LYS A 27 13.17 -10.26 -3.92
CA LYS A 27 13.84 -11.49 -3.50
C LYS A 27 14.32 -11.37 -2.07
N LYS A 28 14.15 -12.44 -1.31
N LYS A 28 14.17 -12.43 -1.30
CA LYS A 28 14.84 -12.54 -0.04
CA LYS A 28 14.80 -12.49 0.01
C LYS A 28 16.34 -12.37 -0.25
C LYS A 28 16.31 -12.50 -0.15
N CYS A 29 17.01 -11.79 0.75
CA CYS A 29 18.46 -11.74 0.70
C CYS A 29 19.04 -11.71 2.08
N ARG A 30 20.36 -11.90 2.15
CA ARG A 30 21.10 -11.91 3.40
C ARG A 30 22.34 -11.06 3.27
N GLU A 31 22.52 -10.11 4.18
CA GLU A 31 23.74 -9.29 4.17
C GLU A 31 24.92 -10.09 4.69
N LYS A 32 26.02 -10.09 3.93
CA LYS A 32 27.17 -10.92 4.28
C LYS A 32 27.81 -10.46 5.59
N SER A 33 27.87 -9.15 5.82
CA SER A 33 28.60 -8.63 6.96
C SER A 33 27.89 -8.80 8.29
N THR A 34 26.56 -8.99 8.29
CA THR A 34 25.78 -9.09 9.53
C THR A 34 24.97 -10.38 9.65
N GLY A 35 24.82 -11.15 8.57
CA GLY A 35 23.88 -12.25 8.54
C GLY A 35 22.41 -11.87 8.57
N LEU A 36 22.08 -10.58 8.57
CA LEU A 36 20.69 -10.18 8.70
C LEU A 36 19.98 -10.27 7.35
N GLN A 37 18.69 -10.55 7.41
CA GLN A 37 17.93 -10.85 6.22
C GLN A 37 17.06 -9.64 5.87
N TYR A 38 16.87 -9.46 4.56
CA TYR A 38 16.16 -8.33 3.99
C TYR A 38 15.38 -8.80 2.77
N ALA A 39 14.57 -7.90 2.22
CA ALA A 39 13.93 -8.10 0.93
C ALA A 39 14.54 -7.10 -0.06
N ALA A 40 15.10 -7.61 -1.15
CA ALA A 40 15.68 -6.78 -2.20
C ALA A 40 14.65 -6.59 -3.30
N LYS A 41 14.27 -5.35 -3.52
CA LYS A 41 13.33 -5.02 -4.59
C LYS A 41 14.08 -4.41 -5.77
N PHE A 42 14.05 -5.11 -6.90
CA PHE A 42 14.76 -4.68 -8.12
C PHE A 42 13.75 -3.93 -8.99
N ILE A 43 13.94 -2.63 -9.14
CA ILE A 43 13.06 -1.79 -9.95
C ILE A 43 13.74 -1.54 -11.29
N LYS A 44 13.08 -1.92 -12.40
CA LYS A 44 13.65 -1.69 -13.73
C LYS A 44 13.66 -0.22 -14.09
N LYS A 45 14.84 0.26 -14.52
CA LYS A 45 14.99 1.62 -15.00
C LYS A 45 14.49 1.77 -16.43
N ARG A 46 14.10 3.00 -16.77
CA ARG A 46 13.82 3.33 -18.16
CA ARG A 46 13.81 3.33 -18.17
C ARG A 46 15.08 3.31 -18.99
N ARG A 47 15.01 2.70 -20.17
CA ARG A 47 16.14 2.63 -21.07
C ARG A 47 16.28 3.82 -22.01
N THR A 48 15.20 4.59 -22.24
CA THR A 48 15.28 5.85 -22.97
C THR A 48 14.34 6.85 -22.30
N LYS A 49 14.49 8.12 -22.64
CA LYS A 49 13.62 9.14 -22.06
C LYS A 49 12.15 8.87 -22.40
N SER A 50 11.89 8.52 -23.67
CA SER A 50 10.53 8.37 -24.17
C SER A 50 9.98 6.97 -23.96
N SER A 51 10.62 6.14 -23.16
CA SER A 51 10.22 4.75 -23.05
C SER A 51 9.07 4.58 -22.08
N ARG A 52 8.13 3.70 -22.43
CA ARG A 52 7.01 3.35 -21.55
C ARG A 52 7.39 2.26 -20.56
N ARG A 53 8.36 1.42 -20.89
CA ARG A 53 8.84 0.38 -20.00
C ARG A 53 9.73 1.01 -18.92
N GLY A 54 9.71 0.40 -17.75
CA GLY A 54 10.58 0.82 -16.67
C GLY A 54 10.05 2.03 -15.93
N VAL A 55 10.74 2.39 -14.85
CA VAL A 55 10.33 3.47 -13.97
C VAL A 55 11.28 4.64 -14.17
N SER A 56 10.72 5.84 -14.36
CA SER A 56 11.55 7.02 -14.57
C SER A 56 12.41 7.29 -13.35
N ARG A 57 13.57 7.93 -13.60
CA ARG A 57 14.47 8.22 -12.50
C ARG A 57 13.81 9.15 -11.49
N GLU A 58 13.02 10.12 -11.95
CA GLU A 58 12.28 10.98 -11.04
C GLU A 58 11.42 10.15 -10.08
N ASP A 59 10.70 9.15 -10.62
CA ASP A 59 9.80 8.36 -9.80
C ASP A 59 10.57 7.48 -8.83
N ILE A 60 11.71 6.92 -9.28
CA ILE A 60 12.52 6.11 -8.37
C ILE A 60 13.06 6.97 -7.24
N GLU A 61 13.58 8.15 -7.58
CA GLU A 61 14.17 9.01 -6.56
C GLU A 61 13.12 9.45 -5.54
N ARG A 62 11.89 9.71 -6.00
CA ARG A 62 10.83 10.09 -5.06
C ARG A 62 10.54 8.96 -4.08
N GLU A 63 10.36 7.73 -4.59
CA GLU A 63 10.14 6.58 -3.72
C GLU A 63 11.26 6.44 -2.69
N VAL A 64 12.51 6.50 -3.14
CA VAL A 64 13.64 6.39 -2.22
C VAL A 64 13.62 7.50 -1.17
N SER A 65 13.34 8.75 -1.60
CA SER A 65 13.33 9.87 -0.65
CA SER A 65 13.34 9.86 -0.65
C SER A 65 12.28 9.68 0.42
N ILE A 66 11.09 9.22 0.02
CA ILE A 66 10.03 8.96 0.98
C ILE A 66 10.43 7.83 1.92
N LEU A 67 10.94 6.73 1.37
CA LEU A 67 11.30 5.61 2.24
C LEU A 67 12.36 6.00 3.26
N LYS A 68 13.32 6.84 2.88
CA LYS A 68 14.38 7.26 3.79
C LYS A 68 13.83 8.03 4.98
N GLU A 69 12.67 8.67 4.83
CA GLU A 69 12.11 9.50 5.89
C GLU A 69 11.43 8.68 6.98
N ILE A 70 10.99 7.48 6.68
CA ILE A 70 10.02 6.83 7.54
CA ILE A 70 10.00 6.75 7.47
C ILE A 70 10.63 5.78 8.47
N GLN A 71 10.15 5.79 9.72
CA GLN A 71 10.55 4.81 10.71
C GLN A 71 9.34 4.69 11.65
N HIS A 72 8.61 3.59 11.56
CA HIS A 72 7.41 3.40 12.34
C HIS A 72 7.10 1.92 12.35
N PRO A 73 6.56 1.37 13.45
CA PRO A 73 6.33 -0.07 13.49
C PRO A 73 5.44 -0.61 12.38
N ASN A 74 4.58 0.21 11.79
CA ASN A 74 3.59 -0.28 10.84
C ASN A 74 3.93 0.11 9.41
N VAL A 75 5.18 0.50 9.16
N VAL A 75 5.14 0.54 9.14
CA VAL A 75 5.69 0.83 7.83
CA VAL A 75 5.55 0.80 7.78
C VAL A 75 7.10 0.25 7.67
C VAL A 75 6.85 0.06 7.53
N ILE A 76 7.42 -0.14 6.44
N ILE A 76 7.01 -0.42 6.29
CA ILE A 76 8.69 -0.77 6.12
CA ILE A 76 8.27 -1.01 5.90
C ILE A 76 9.87 0.18 6.39
C ILE A 76 9.36 0.06 5.92
N THR A 77 11.03 -0.39 6.72
N THR A 77 10.58 -0.34 6.24
CA THR A 77 12.27 0.39 6.88
CA THR A 77 11.68 0.61 6.23
C THR A 77 13.22 0.09 5.71
C THR A 77 12.72 0.21 5.20
N LEU A 78 13.62 1.15 4.97
CA LEU A 78 14.64 1.01 3.94
C LEU A 78 16.02 0.91 4.59
N HIS A 79 16.76 -0.12 4.21
CA HIS A 79 18.09 -0.35 4.76
C HIS A 79 19.18 0.25 3.90
N GLU A 80 19.15 0.05 2.58
CA GLU A 80 20.22 0.50 1.69
C GLU A 80 19.66 0.58 0.27
N VAL A 81 20.34 1.34 -0.61
CA VAL A 81 19.95 1.38 -2.03
C VAL A 81 21.19 1.19 -2.89
N TYR A 82 21.07 0.29 -3.87
CA TYR A 82 22.10 0.05 -4.88
C TYR A 82 21.54 0.37 -6.25
N GLU A 83 22.42 0.55 -7.24
CA GLU A 83 21.91 0.66 -8.60
C GLU A 83 22.97 0.17 -9.57
N ASN A 84 22.50 -0.23 -10.74
CA ASN A 84 23.37 -0.51 -11.88
C ASN A 84 22.64 0.01 -13.13
N LYS A 85 23.16 -0.33 -14.31
CA LYS A 85 22.62 0.17 -15.56
C LYS A 85 21.14 -0.21 -15.74
N THR A 86 20.74 -1.37 -15.24
CA THR A 86 19.40 -1.87 -15.50
C THR A 86 18.41 -1.65 -14.37
N ASP A 87 18.85 -1.59 -13.12
CA ASP A 87 17.94 -1.59 -11.99
C ASP A 87 18.38 -0.63 -10.91
N VAL A 88 17.41 -0.13 -10.12
CA VAL A 88 17.68 0.34 -8.77
C VAL A 88 17.23 -0.77 -7.84
N ILE A 89 18.04 -1.06 -6.82
CA ILE A 89 17.81 -2.19 -5.94
C ILE A 89 17.62 -1.65 -4.53
N LEU A 90 16.38 -1.74 -4.02
CA LEU A 90 16.10 -1.28 -2.66
C LEU A 90 16.28 -2.47 -1.72
N ILE A 91 17.13 -2.31 -0.71
CA ILE A 91 17.26 -3.34 0.32
C ILE A 91 16.32 -2.91 1.44
N LEU A 92 15.20 -3.64 1.56
CA LEU A 92 14.12 -3.29 2.47
C LEU A 92 14.04 -4.26 3.63
N GLU A 93 13.44 -3.79 4.72
CA GLU A 93 13.10 -4.69 5.82
C GLU A 93 12.29 -5.88 5.31
N LEU A 94 12.66 -7.08 5.75
CA LEU A 94 11.95 -8.29 5.33
C LEU A 94 10.69 -8.46 6.16
N VAL A 95 9.56 -8.66 5.51
CA VAL A 95 8.32 -8.93 6.19
C VAL A 95 7.86 -10.29 5.68
N ALA A 96 7.92 -11.31 6.55
CA ALA A 96 7.92 -12.70 6.11
C ALA A 96 6.58 -13.42 6.20
N GLY A 97 5.53 -12.79 6.72
CA GLY A 97 4.29 -13.51 6.92
C GLY A 97 3.28 -13.38 5.78
N GLY A 98 3.70 -12.90 4.62
CA GLY A 98 2.82 -12.83 3.47
C GLY A 98 1.89 -11.64 3.51
N GLU A 99 1.09 -11.52 2.45
CA GLU A 99 0.17 -10.40 2.27
C GLU A 99 -1.10 -10.62 3.07
N LEU A 100 -1.69 -9.50 3.50
CA LEU A 100 -3.05 -9.53 4.03
C LEU A 100 -4.02 -10.11 3.01
N PHE A 101 -3.82 -9.80 1.71
CA PHE A 101 -4.62 -10.42 0.66
C PHE A 101 -4.68 -11.94 0.78
N ASP A 102 -3.53 -12.59 0.94
CA ASP A 102 -3.51 -14.04 0.98
C ASP A 102 -4.03 -14.58 2.31
N PHE A 103 -3.77 -13.87 3.41
CA PHE A 103 -4.34 -14.25 4.70
C PHE A 103 -5.87 -14.25 4.65
N LEU A 104 -6.46 -13.23 4.02
CA LEU A 104 -7.91 -13.11 3.92
C LEU A 104 -8.50 -14.24 3.10
N ALA A 105 -7.83 -14.59 2.00
CA ALA A 105 -8.33 -15.66 1.15
C ALA A 105 -8.43 -16.99 1.91
N GLU A 106 -7.63 -17.16 2.96
CA GLU A 106 -7.70 -18.39 3.75
C GLU A 106 -8.81 -18.37 4.79
N LYS A 107 -9.25 -17.19 5.22
CA LYS A 107 -10.24 -17.07 6.28
C LYS A 107 -11.64 -16.79 5.78
N GLU A 108 -11.82 -16.53 4.48
CA GLU A 108 -13.08 -16.07 3.88
C GLU A 108 -13.41 -14.63 4.24
N SER A 109 -13.69 -14.37 5.52
CA SER A 109 -13.91 -13.04 6.03
C SER A 109 -13.49 -13.01 7.50
N LEU A 110 -13.24 -11.82 8.01
CA LEU A 110 -12.81 -11.69 9.39
C LEU A 110 -13.99 -11.27 10.26
N THR A 111 -13.91 -11.63 11.54
CA THR A 111 -14.82 -11.05 12.53
C THR A 111 -14.54 -9.56 12.67
N GLU A 112 -15.48 -8.83 13.29
CA GLU A 112 -15.24 -7.41 13.51
C GLU A 112 -14.02 -7.19 14.38
N GLU A 113 -13.82 -8.06 15.37
CA GLU A 113 -12.65 -7.88 16.24
C GLU A 113 -11.36 -8.15 15.48
N GLU A 114 -11.32 -9.19 14.65
CA GLU A 114 -10.12 -9.46 13.84
C GLU A 114 -9.89 -8.33 12.85
N ALA A 115 -10.98 -7.82 12.27
CA ALA A 115 -10.86 -6.72 11.32
C ALA A 115 -10.32 -5.46 11.99
N THR A 116 -10.86 -5.10 13.17
CA THR A 116 -10.38 -3.91 13.85
C THR A 116 -8.96 -4.08 14.35
N GLU A 117 -8.54 -5.30 14.68
CA GLU A 117 -7.17 -5.48 15.10
C GLU A 117 -6.19 -5.19 13.96
N PHE A 118 -6.54 -5.57 12.74
CA PHE A 118 -5.75 -5.20 11.57
C PHE A 118 -5.90 -3.71 11.28
N LEU A 119 -7.14 -3.22 11.33
N LEU A 119 -7.13 -3.21 11.31
CA LEU A 119 -7.41 -1.84 10.92
CA LEU A 119 -7.36 -1.82 10.91
C LEU A 119 -6.74 -0.85 11.85
C LEU A 119 -6.69 -0.85 11.85
N LYS A 120 -6.70 -1.14 13.16
CA LYS A 120 -6.02 -0.22 14.08
C LYS A 120 -4.56 -0.01 13.68
N GLN A 121 -3.89 -1.09 13.25
CA GLN A 121 -2.49 -0.97 12.85
C GLN A 121 -2.34 -0.22 11.53
N ILE A 122 -3.23 -0.49 10.57
CA ILE A 122 -3.20 0.22 9.31
C ILE A 122 -3.42 1.70 9.57
N LEU A 123 -4.42 2.02 10.42
CA LEU A 123 -4.69 3.41 10.74
C LEU A 123 -3.50 4.07 11.43
N ASN A 124 -2.83 3.33 12.34
CA ASN A 124 -1.64 3.92 13.00
C ASN A 124 -0.55 4.21 11.98
N GLY A 125 -0.31 3.31 11.03
CA GLY A 125 0.69 3.55 9.99
C GLY A 125 0.32 4.73 9.11
N VAL A 126 -0.95 4.80 8.70
CA VAL A 126 -1.37 5.93 7.87
C VAL A 126 -1.37 7.24 8.67
N TYR A 127 -1.70 7.20 9.97
CA TYR A 127 -1.59 8.42 10.78
C TYR A 127 -0.16 8.96 10.75
N TYR A 128 0.81 8.06 10.93
CA TYR A 128 2.21 8.48 10.84
C TYR A 128 2.53 9.09 9.47
N LEU A 129 2.14 8.40 8.39
CA LEU A 129 2.44 8.90 7.05
C LEU A 129 1.79 10.26 6.80
N HIS A 130 0.48 10.35 7.09
CA HIS A 130 -0.22 11.61 6.85
C HIS A 130 0.32 12.74 7.71
N SER A 131 0.79 12.41 8.92
CA SER A 131 1.45 13.40 9.75
C SER A 131 2.69 14.01 9.09
N LEU A 132 3.40 13.20 8.29
CA LEU A 132 4.53 13.65 7.48
C LEU A 132 4.09 14.18 6.13
N GLN A 133 2.79 14.36 5.91
CA GLN A 133 2.23 14.80 4.63
C GLN A 133 2.55 13.85 3.48
N ILE A 134 2.69 12.57 3.77
CA ILE A 134 2.90 11.54 2.75
C ILE A 134 1.56 10.89 2.45
N ALA A 135 1.10 11.02 1.21
CA ALA A 135 -0.01 10.21 0.71
C ALA A 135 0.57 8.93 0.10
N HIS A 136 0.01 7.78 0.48
CA HIS A 136 0.53 6.51 -0.02
C HIS A 136 0.04 6.24 -1.45
N PHE A 137 -1.25 6.47 -1.72
CA PHE A 137 -1.89 6.34 -3.02
C PHE A 137 -1.99 4.92 -3.57
N ASP A 138 -1.63 3.90 -2.81
CA ASP A 138 -1.78 2.54 -3.32
C ASP A 138 -2.14 1.59 -2.19
N LEU A 139 -2.98 2.05 -1.25
CA LEU A 139 -3.36 1.14 -0.15
C LEU A 139 -4.35 0.10 -0.63
N LYS A 140 -4.06 -1.16 -0.36
CA LYS A 140 -4.88 -2.32 -0.74
C LYS A 140 -4.33 -3.52 0.01
N PRO A 141 -5.09 -4.62 0.13
CA PRO A 141 -4.60 -5.75 0.95
C PRO A 141 -3.28 -6.32 0.47
N GLU A 142 -3.00 -6.28 -0.83
CA GLU A 142 -1.72 -6.78 -1.34
C GLU A 142 -0.52 -5.98 -0.85
N ASN A 143 -0.74 -4.73 -0.43
CA ASN A 143 0.34 -3.87 0.05
C ASN A 143 0.39 -3.78 1.57
N ILE A 144 -0.29 -4.69 2.25
N ILE A 144 -0.20 -4.72 2.28
CA ILE A 144 -0.26 -4.88 3.70
CA ILE A 144 -0.10 -4.75 3.73
C ILE A 144 0.39 -6.25 3.93
C ILE A 144 0.32 -6.16 4.12
N MET A 145 1.54 -6.29 4.60
CA MET A 145 2.22 -7.55 4.88
CA MET A 145 2.11 -7.59 4.88
C MET A 145 2.17 -7.85 6.37
N LEU A 146 2.13 -9.12 6.71
CA LEU A 146 2.12 -9.58 8.08
C LEU A 146 3.54 -9.96 8.48
N LEU A 147 3.91 -9.65 9.72
CA LEU A 147 5.22 -10.08 10.19
C LEU A 147 5.26 -11.58 10.40
N ASP A 148 4.17 -12.15 10.92
CA ASP A 148 4.07 -13.58 11.23
C ASP A 148 2.60 -13.93 11.12
N ARG A 149 2.25 -14.83 10.20
CA ARG A 149 0.83 -15.09 9.98
C ARG A 149 0.27 -16.12 10.94
N ASN A 150 1.12 -16.77 11.75
CA ASN A 150 0.74 -17.85 12.66
C ASN A 150 0.63 -17.40 14.12
N VAL A 151 0.13 -16.21 14.38
CA VAL A 151 -0.14 -15.73 15.74
C VAL A 151 -1.58 -15.23 15.76
N PRO A 152 -2.22 -15.23 16.94
CA PRO A 152 -3.65 -14.87 16.98
C PRO A 152 -3.96 -13.48 16.44
N LYS A 153 -3.05 -12.52 16.59
CA LYS A 153 -3.28 -11.11 16.27
C LYS A 153 -2.07 -10.64 15.47
N PRO A 154 -2.01 -10.98 14.19
CA PRO A 154 -0.80 -10.69 13.41
C PRO A 154 -0.52 -9.20 13.33
N ARG A 155 0.77 -8.85 13.44
CA ARG A 155 1.25 -7.48 13.21
C ARG A 155 1.54 -7.21 11.75
N ILE A 156 1.27 -5.97 11.31
CA ILE A 156 1.36 -5.66 9.90
C ILE A 156 2.28 -4.48 9.61
N LYS A 157 2.76 -4.42 8.38
N LYS A 157 2.72 -4.43 8.36
CA LYS A 157 3.50 -3.25 7.89
CA LYS A 157 3.51 -3.34 7.79
C LYS A 157 3.01 -2.92 6.49
C LYS A 157 2.88 -2.94 6.48
N ILE A 158 2.82 -1.63 6.25
CA ILE A 158 2.47 -1.10 4.93
C ILE A 158 3.72 -1.13 4.06
N ILE A 159 3.56 -1.66 2.84
CA ILE A 159 4.65 -1.69 1.87
C ILE A 159 4.27 -0.95 0.59
N ASP A 160 5.24 -0.91 -0.33
CA ASP A 160 5.04 -0.49 -1.71
C ASP A 160 4.76 1.00 -1.82
N PHE A 161 5.83 1.78 -1.70
CA PHE A 161 5.75 3.24 -1.75
C PHE A 161 5.98 3.77 -3.15
N GLY A 162 5.71 2.96 -4.18
CA GLY A 162 5.96 3.36 -5.57
C GLY A 162 5.06 4.46 -6.09
N LEU A 163 3.90 4.69 -5.47
CA LEU A 163 3.03 5.79 -5.84
C LEU A 163 3.01 6.92 -4.82
N ALA A 164 3.74 6.80 -3.72
CA ALA A 164 3.60 7.75 -2.62
C ALA A 164 4.13 9.13 -3.02
N HIS A 165 3.47 10.17 -2.52
CA HIS A 165 3.92 11.51 -2.81
C HIS A 165 3.80 12.35 -1.55
N LYS A 166 4.73 13.31 -1.39
CA LYS A 166 4.60 14.33 -0.36
CA LYS A 166 4.60 14.33 -0.36
C LYS A 166 3.60 15.37 -0.84
N ILE A 167 2.67 15.73 0.04
CA ILE A 167 1.60 16.68 -0.29
C ILE A 167 1.90 17.97 0.46
N ASP A 168 2.70 18.85 -0.14
CA ASP A 168 3.12 20.07 0.54
C ASP A 168 2.14 21.22 0.36
N PHE A 169 1.16 21.08 -0.55
CA PHE A 169 0.16 22.12 -0.78
C PHE A 169 -1.24 21.60 -0.49
N GLY A 170 -1.37 20.53 0.26
CA GLY A 170 -2.71 20.03 0.47
C GLY A 170 -3.30 19.26 -0.70
N ASN A 171 -2.85 19.50 -1.93
CA ASN A 171 -3.15 18.57 -3.03
C ASN A 171 -1.98 18.56 -4.01
N GLU A 172 -1.93 17.49 -4.78
CA GLU A 172 -1.02 17.35 -5.92
C GLU A 172 -1.80 17.07 -7.20
N PHE A 173 -1.19 17.38 -8.34
CA PHE A 173 -1.89 17.22 -9.62
C PHE A 173 -0.92 16.60 -10.64
N LYS A 174 -0.60 15.32 -10.43
CA LYS A 174 0.28 14.61 -11.34
C LYS A 174 -0.44 13.39 -11.91
N ASN A 175 0.29 12.62 -12.71
CA ASN A 175 -0.20 11.35 -13.22
C ASN A 175 -0.08 10.33 -12.10
N ILE A 176 -1.18 10.10 -11.40
CA ILE A 176 -1.22 9.13 -10.30
C ILE A 176 -2.49 8.31 -10.42
N PHE A 177 -2.34 6.97 -10.49
CA PHE A 177 -3.50 6.09 -10.58
C PHE A 177 -3.10 4.70 -10.08
N GLY A 178 -3.73 4.24 -9.00
CA GLY A 178 -3.53 2.91 -8.46
C GLY A 178 -4.49 1.86 -9.03
N THR A 179 -4.81 0.87 -8.23
CA THR A 179 -5.62 -0.25 -8.69
C THR A 179 -7.10 0.13 -8.66
N PRO A 180 -7.85 -0.12 -9.74
CA PRO A 180 -9.23 0.41 -9.86
C PRO A 180 -10.15 0.12 -8.68
N GLU A 181 -10.11 -1.10 -8.14
CA GLU A 181 -11.01 -1.44 -7.04
C GLU A 181 -10.81 -0.57 -5.80
N PHE A 182 -9.64 0.08 -5.65
CA PHE A 182 -9.27 0.75 -4.42
C PHE A 182 -9.08 2.25 -4.57
N VAL A 183 -9.14 2.79 -5.78
CA VAL A 183 -8.90 4.21 -5.97
C VAL A 183 -10.12 5.02 -5.64
N ALA A 184 -9.90 6.24 -5.15
CA ALA A 184 -10.98 7.14 -4.83
C ALA A 184 -11.56 7.79 -6.10
N PRO A 185 -12.77 8.37 -5.99
CA PRO A 185 -13.36 9.03 -7.17
C PRO A 185 -12.50 10.13 -7.75
N GLU A 186 -11.78 10.89 -6.91
CA GLU A 186 -10.95 11.97 -7.49
C GLU A 186 -9.81 11.41 -8.33
N ILE A 187 -9.33 10.19 -8.03
CA ILE A 187 -8.37 9.54 -8.93
C ILE A 187 -9.06 9.16 -10.26
N VAL A 188 -10.24 8.53 -10.18
CA VAL A 188 -10.95 8.15 -11.39
C VAL A 188 -11.19 9.35 -12.29
N ASN A 189 -11.49 10.50 -11.69
CA ASN A 189 -11.86 11.70 -12.42
C ASN A 189 -10.67 12.61 -12.73
N TYR A 190 -9.45 12.18 -12.38
CA TYR A 190 -8.24 12.96 -12.71
C TYR A 190 -8.28 14.36 -12.09
N GLU A 191 -8.77 14.42 -10.85
CA GLU A 191 -8.82 15.66 -10.12
CA GLU A 191 -8.83 15.65 -10.09
C GLU A 191 -7.61 15.78 -9.19
N PRO A 192 -7.35 16.95 -8.65
CA PRO A 192 -6.24 17.07 -7.68
C PRO A 192 -6.44 16.14 -6.50
N LEU A 193 -5.32 15.57 -6.03
CA LEU A 193 -5.34 14.50 -5.05
C LEU A 193 -4.61 14.94 -3.79
N GLY A 194 -5.08 14.42 -2.67
CA GLY A 194 -4.44 14.70 -1.39
C GLY A 194 -4.47 13.48 -0.48
N LEU A 195 -4.28 13.73 0.81
CA LEU A 195 -4.31 12.65 1.80
C LEU A 195 -5.67 11.97 1.88
N GLU A 196 -6.74 12.62 1.41
CA GLU A 196 -8.08 12.06 1.55
C GLU A 196 -8.26 10.80 0.69
N ALA A 197 -7.52 10.67 -0.43
CA ALA A 197 -7.67 9.49 -1.27
C ALA A 197 -7.33 8.21 -0.49
N ASP A 198 -6.33 8.27 0.37
CA ASP A 198 -5.98 7.11 1.19
C ASP A 198 -7.12 6.74 2.12
N MET A 199 -7.88 7.72 2.61
CA MET A 199 -8.98 7.38 3.49
C MET A 199 -10.08 6.63 2.78
N TRP A 200 -10.36 7.00 1.54
CA TRP A 200 -11.29 6.19 0.75
C TRP A 200 -10.80 4.75 0.63
N SER A 201 -9.51 4.56 0.31
CA SER A 201 -8.98 3.21 0.15
C SER A 201 -9.15 2.40 1.43
N ILE A 202 -8.94 3.05 2.58
CA ILE A 202 -9.16 2.37 3.86
C ILE A 202 -10.62 1.92 3.99
N GLY A 203 -11.57 2.74 3.54
CA GLY A 203 -12.97 2.30 3.54
C GLY A 203 -13.20 1.05 2.71
N VAL A 204 -12.56 1.00 1.54
CA VAL A 204 -12.67 -0.20 0.69
C VAL A 204 -12.07 -1.40 1.38
N ILE A 205 -10.85 -1.26 1.94
CA ILE A 205 -10.20 -2.34 2.67
C ILE A 205 -11.08 -2.83 3.81
N THR A 206 -11.72 -1.91 4.54
CA THR A 206 -12.57 -2.32 5.67
C THR A 206 -13.76 -3.14 5.20
N TYR A 207 -14.42 -2.69 4.13
CA TYR A 207 -15.54 -3.45 3.58
C TYR A 207 -15.11 -4.87 3.23
N ILE A 208 -13.96 -5.00 2.58
CA ILE A 208 -13.45 -6.32 2.18
C ILE A 208 -13.11 -7.17 3.40
N LEU A 209 -12.48 -6.58 4.42
CA LEU A 209 -12.11 -7.36 5.60
C LEU A 209 -13.34 -7.98 6.24
N LEU A 210 -14.45 -7.24 6.25
CA LEU A 210 -15.64 -7.69 6.94
C LEU A 210 -16.50 -8.66 6.13
N SER A 211 -16.42 -8.63 4.81
CA SER A 211 -17.34 -9.38 3.96
C SER A 211 -16.66 -10.38 3.03
N GLY A 212 -15.39 -10.18 2.71
CA GLY A 212 -14.77 -10.99 1.68
C GLY A 212 -15.09 -10.56 0.27
N ALA A 213 -15.79 -9.43 0.10
CA ALA A 213 -16.28 -9.00 -1.19
C ALA A 213 -15.84 -7.56 -1.44
N SER A 214 -15.59 -7.25 -2.71
CA SER A 214 -15.06 -5.95 -3.12
C SER A 214 -16.22 -5.02 -3.48
N PRO A 215 -16.35 -3.84 -2.84
CA PRO A 215 -17.60 -3.05 -2.93
C PRO A 215 -17.94 -2.47 -4.30
N PHE A 216 -16.95 -2.15 -5.13
CA PHE A 216 -17.18 -1.50 -6.42
C PHE A 216 -16.82 -2.37 -7.62
N LEU A 217 -16.36 -3.61 -7.39
CA LEU A 217 -15.80 -4.41 -8.47
C LEU A 217 -16.84 -4.70 -9.56
N GLY A 218 -16.52 -4.32 -10.79
CA GLY A 218 -17.28 -4.74 -11.95
C GLY A 218 -16.58 -5.85 -12.73
N ASP A 219 -17.14 -6.15 -13.89
CA ASP A 219 -16.57 -7.23 -14.69
C ASP A 219 -15.37 -6.80 -15.50
N THR A 220 -15.17 -5.50 -15.67
CA THR A 220 -14.00 -4.95 -16.34
C THR A 220 -13.50 -3.80 -15.50
N LYS A 221 -12.26 -3.36 -15.78
CA LYS A 221 -11.71 -2.24 -15.02
C LYS A 221 -12.53 -0.97 -15.24
N GLN A 222 -12.99 -0.74 -16.47
CA GLN A 222 -13.74 0.49 -16.71
C GLN A 222 -15.05 0.48 -15.92
N GLU A 223 -15.71 -0.67 -15.83
CA GLU A 223 -16.92 -0.78 -14.99
C GLU A 223 -16.61 -0.51 -13.52
N THR A 224 -15.52 -1.07 -13.00
CA THR A 224 -15.15 -0.76 -11.62
C THR A 224 -14.98 0.75 -11.41
N LEU A 225 -14.24 1.39 -12.32
CA LEU A 225 -13.99 2.82 -12.22
C LEU A 225 -15.28 3.63 -12.28
N ALA A 226 -16.20 3.24 -13.16
CA ALA A 226 -17.51 3.91 -13.23
C ALA A 226 -18.27 3.74 -11.92
N ASN A 227 -18.23 2.54 -11.33
CA ASN A 227 -18.86 2.31 -10.04
C ASN A 227 -18.26 3.18 -8.95
N VAL A 228 -16.93 3.29 -8.92
CA VAL A 228 -16.28 4.13 -7.91
C VAL A 228 -16.75 5.58 -8.06
N SER A 229 -16.74 6.09 -9.29
CA SER A 229 -17.10 7.48 -9.48
C SER A 229 -18.53 7.76 -9.04
N ALA A 230 -19.43 6.80 -9.25
CA ALA A 230 -20.83 6.96 -8.88
C ALA A 230 -21.12 6.58 -7.42
N VAL A 231 -20.11 6.16 -6.67
CA VAL A 231 -20.26 5.62 -5.31
C VAL A 231 -21.32 4.52 -5.33
N ASN A 232 -21.17 3.61 -6.28
CA ASN A 232 -22.14 2.52 -6.51
C ASN A 232 -21.69 1.33 -5.68
N TYR A 233 -21.98 1.38 -4.38
CA TYR A 233 -21.79 0.24 -3.48
C TYR A 233 -22.95 0.18 -2.48
N GLU A 234 -23.17 -1.02 -1.94
CA GLU A 234 -24.15 -1.20 -0.88
C GLU A 234 -23.72 -2.34 0.05
N PHE A 235 -24.28 -2.36 1.26
CA PHE A 235 -24.01 -3.44 2.22
C PHE A 235 -24.96 -4.61 2.00
N GLU A 236 -24.49 -5.65 1.34
CA GLU A 236 -25.33 -6.81 1.09
C GLU A 236 -25.67 -7.55 2.38
N ASP A 237 -26.97 -7.76 2.63
CA ASP A 237 -27.42 -8.49 3.80
C ASP A 237 -26.73 -9.83 3.95
N GLU A 238 -26.49 -10.53 2.85
CA GLU A 238 -25.88 -11.87 2.96
C GLU A 238 -24.54 -11.80 3.69
N TYR A 239 -23.79 -10.72 3.46
CA TYR A 239 -22.49 -10.53 4.08
C TYR A 239 -22.55 -9.70 5.36
N PHE A 240 -23.51 -8.79 5.49
CA PHE A 240 -23.44 -7.78 6.53
C PHE A 240 -24.59 -7.85 7.52
N SER A 241 -25.51 -8.84 7.40
CA SER A 241 -26.73 -8.87 8.21
C SER A 241 -26.42 -8.87 9.69
N ASN A 242 -25.29 -9.48 10.09
CA ASN A 242 -24.91 -9.56 11.49
C ASN A 242 -23.67 -8.71 11.81
N THR A 243 -23.32 -7.77 10.94
CA THR A 243 -22.26 -6.79 11.20
C THR A 243 -22.86 -5.61 11.94
N SER A 244 -22.08 -5.03 12.86
CA SER A 244 -22.64 -3.99 13.69
C SER A 244 -22.89 -2.73 12.87
N ALA A 245 -23.91 -1.98 13.31
CA ALA A 245 -24.19 -0.72 12.63
C ALA A 245 -23.04 0.27 12.72
N LEU A 246 -22.25 0.21 13.81
CA LEU A 246 -21.11 1.12 13.94
C LEU A 246 -20.03 0.82 12.91
N ALA A 247 -19.80 -0.47 12.59
CA ALA A 247 -18.86 -0.80 11.53
C ALA A 247 -19.33 -0.24 10.20
N LYS A 248 -20.64 -0.38 9.90
CA LYS A 248 -21.16 0.19 8.67
C LYS A 248 -21.03 1.71 8.66
N ASP A 249 -21.26 2.37 9.82
CA ASP A 249 -21.12 3.82 9.93
C ASP A 249 -19.68 4.24 9.59
N PHE A 250 -18.69 3.50 10.10
CA PHE A 250 -17.28 3.80 9.81
C PHE A 250 -17.01 3.79 8.31
N ILE A 251 -17.44 2.70 7.64
CA ILE A 251 -17.25 2.59 6.20
C ILE A 251 -17.97 3.71 5.46
N ARG A 252 -19.21 3.98 5.86
CA ARG A 252 -20.02 5.02 5.21
C ARG A 252 -19.33 6.38 5.26
N ARG A 253 -18.61 6.67 6.33
CA ARG A 253 -17.97 7.98 6.48
C ARG A 253 -16.65 8.08 5.73
N LEU A 254 -16.15 6.98 5.20
CA LEU A 254 -14.95 6.96 4.35
C LEU A 254 -15.31 6.92 2.87
N LEU A 255 -16.38 6.20 2.50
CA LEU A 255 -16.74 6.04 1.09
C LEU A 255 -17.68 7.18 0.67
N VAL A 256 -17.10 8.38 0.70
CA VAL A 256 -17.79 9.66 0.47
C VAL A 256 -17.10 10.30 -0.74
N LYS A 257 -17.87 10.67 -1.76
CA LYS A 257 -17.27 11.18 -2.99
C LYS A 257 -16.50 12.48 -2.76
N ASP A 258 -17.10 13.45 -2.08
CA ASP A 258 -16.42 14.72 -1.84
C ASP A 258 -15.27 14.52 -0.85
N PRO A 259 -14.01 14.70 -1.26
CA PRO A 259 -12.91 14.41 -0.33
C PRO A 259 -12.94 15.27 0.91
N LYS A 260 -13.44 16.50 0.83
CA LYS A 260 -13.55 17.38 2.01
C LYS A 260 -14.53 16.87 3.06
N LYS A 261 -15.48 16.02 2.70
CA LYS A 261 -16.46 15.52 3.63
C LYS A 261 -16.11 14.14 4.18
N ARG A 262 -15.06 13.53 3.65
CA ARG A 262 -14.60 12.25 4.10
C ARG A 262 -13.88 12.37 5.45
N MET A 263 -13.92 11.30 6.23
CA MET A 263 -13.25 11.30 7.52
C MET A 263 -11.74 11.38 7.28
N THR A 264 -11.05 12.21 8.06
CA THR A 264 -9.59 12.23 8.04
C THR A 264 -9.03 11.10 8.87
N ILE A 265 -7.73 10.91 8.78
CA ILE A 265 -7.09 9.88 9.60
C ILE A 265 -7.31 10.16 11.09
N GLN A 266 -7.21 11.44 11.51
CA GLN A 266 -7.47 11.73 12.92
C GLN A 266 -8.91 11.40 13.29
N ASP A 267 -9.85 11.75 12.41
CA ASP A 267 -11.25 11.43 12.67
C ASP A 267 -11.43 9.92 12.84
N SER A 268 -10.77 9.14 11.99
CA SER A 268 -10.99 7.69 11.99
CA SER A 268 -10.97 7.69 11.99
C SER A 268 -10.54 7.07 13.29
N LEU A 269 -9.50 7.62 13.92
CA LEU A 269 -9.01 7.09 15.18
C LEU A 269 -9.90 7.47 16.35
N GLN A 270 -10.71 8.53 16.22
CA GLN A 270 -11.66 8.88 17.26
C GLN A 270 -13.06 8.30 17.02
N HIS A 271 -13.28 7.67 15.88
CA HIS A 271 -14.59 7.11 15.59
C HIS A 271 -14.93 6.03 16.62
N PRO A 272 -16.18 5.96 17.08
CA PRO A 272 -16.48 5.04 18.18
C PRO A 272 -16.25 3.56 17.88
N TRP A 273 -16.22 3.13 16.61
CA TRP A 273 -15.88 1.74 16.31
C TRP A 273 -14.41 1.46 16.59
N ILE A 274 -13.56 2.48 16.53
CA ILE A 274 -12.11 2.32 16.69
C ILE A 274 -11.65 2.74 18.08
N LYS A 275 -12.19 3.85 18.60
CA LYS A 275 -11.70 4.45 19.82
C LYS A 275 -11.73 3.44 20.96
N PRO A 276 -10.62 3.24 21.68
CA PRO A 276 -10.59 2.31 22.82
C PRO A 276 -11.15 2.91 24.09
N PRO A 290 -2.12 0.79 -16.46
CA PRO A 290 -2.48 0.46 -15.07
C PRO A 290 -3.99 0.43 -14.87
N GLN A 291 -4.64 1.55 -15.17
CA GLN A 291 -6.08 1.64 -15.10
C GLN A 291 -6.78 1.20 -16.39
N PHE A 292 -6.01 0.90 -17.44
CA PHE A 292 -6.56 0.52 -18.74
C PHE A 292 -6.37 -0.98 -18.96
N GLU A 293 -7.32 -1.58 -19.68
CA GLU A 293 -7.21 -2.99 -20.07
C GLU A 293 -6.72 -3.10 -21.52
C13 A1BVL B . 5.88 -6.46 -2.55
C14 A1BVL B . 6.41 -7.13 -1.44
C15 A1BVL B . 7.50 -6.57 -0.79
C1 A1BVL B . 3.94 -7.98 -2.60
C10 A1BVL B . 0.04 -9.45 -6.32
C16 A1BVL B . 8.10 -7.18 0.41
C17 A1BVL B . 8.84 -6.42 1.31
C18 A1BVL B . 9.40 -7.03 2.41
C2 A1BVL B . 3.10 -8.59 -3.70
C20 A1BVL B . 8.56 -9.06 1.82
C21 A1BVL B . 7.96 -8.54 0.68
C22 A1BVL B . 7.98 -5.37 -1.31
C4 A1BVL B . 2.40 -6.24 -3.71
C5 A1BVL B . 3.86 -5.86 -3.78
C6 A1BVL B . 1.22 -7.88 -5.16
C8 A1BVL B . -0.44 -7.18 -6.53
C9 A1BVL B . -0.73 -8.47 -6.89
N11 A1BVL B . 1.03 -9.19 -5.44
N12 A1BVL B . 4.72 -6.86 -3.13
N19 A1BVL B . 9.27 -8.33 2.68
N23 A1BVL B . 7.45 -4.78 -2.37
N24 A1BVL B . 6.40 -5.33 -3.00
N3 A1BVL B . 2.19 -7.59 -4.26
N7 A1BVL B . 0.53 -6.85 -5.67
S SO4 C . 7.18 15.86 -6.16
O1 SO4 C . 8.58 15.76 -5.76
O2 SO4 C . 6.34 15.00 -5.33
O3 SO4 C . 6.72 17.25 -6.03
O4 SO4 C . 7.05 15.45 -7.55
S SO4 D . -27.77 -0.41 5.21
O1 SO4 D . -29.23 -0.46 5.11
O2 SO4 D . -27.19 -1.71 4.87
O3 SO4 D . -27.26 0.60 4.28
O4 SO4 D . -27.39 -0.06 6.59
S SO4 E . 9.00 1.78 -25.54
O1 SO4 E . 8.41 1.08 -26.68
O2 SO4 E . 10.24 1.12 -25.14
O3 SO4 E . 9.23 3.18 -25.90
O4 SO4 E . 8.06 1.72 -24.42
#